data_7SDQ
#
_entry.id   7SDQ
#
_cell.length_a   105.465
_cell.length_b   105.465
_cell.length_c   93.608
_cell.angle_alpha   90.000
_cell.angle_beta   90.000
_cell.angle_gamma   120.000
#
_symmetry.space_group_name_H-M   'H 3'
#
loop_
_entity.id
_entity.type
_entity.pdbx_description
1 polymer "DNA (5'-D(*GP*AP*GP*CP*AP*GP*CP*CP*TP*GP*TP*(5CM)P*TP*GP*GP*AP*CP*AP*TP*CP*A)-3')"
2 polymer "DNA (5'-D(P*CP*CP*AP*UP*AP*CP*A)-3')"
3 polymer "DNA (5'-D(P*GP*GP*CP*TP*GP*CP*T)-3')"
4 polymer "DNA (5'-D(P*CP*TP*GP*AP*TP*GP*T)-3')"
5 non-polymer 'SILVER ION'
#
loop_
_entity_poly.entity_id
_entity_poly.type
_entity_poly.pdbx_seq_one_letter_code
_entity_poly.pdbx_strand_id
1 'polydeoxyribonucleotide'
;(DG)(DA)(DG)(DC)(DA)(DG)(DC)(DC)(DT)(DG)(DT)(5CM)(DT)(DG)(DG)(DA)(DC)(DA)(DT)
(DC)(DA)
;
A
2 'polydeoxyribonucleotide' (DC)(DC)(DA)(DU)(DA)(DC)(DA) B
3 'polydeoxyribonucleotide' (DG)(DG)(DC)(DT)(DG)(DC)(DT) C
4 'polydeoxyribonucleotide' (DC)(DT)(DG)(DA)(DT)(DG)(DT) D
#